data_2WM9
#
_entry.id   2WM9
#
_cell.length_a   88.410
_cell.length_b   93.980
_cell.length_c   88.200
_cell.angle_alpha   90.00
_cell.angle_beta   90.00
_cell.angle_gamma   90.00
#
_symmetry.space_group_name_H-M   'P 21 21 2'
#
loop_
_entity.id
_entity.type
_entity.pdbx_description
1 polymer 'DEDICATOR OF CYTOKINESIS PROTEIN 9'
2 polymer 'CELL DIVISION CONTROL PROTEIN 42 HOMOLOG'
3 non-polymer GLYCEROL
4 water water
#
loop_
_entity_poly.entity_id
_entity_poly.type
_entity_poly.pdbx_seq_one_letter_code
_entity_poly.pdbx_strand_id
1 'polypeptide(L)'
;KSYASTPELRKTWLDSMARIHVKNGDLSEAAMCYVHVTALVAEYLTRKGVFRQGCTAFRVITPNIDEEASMMEDVGMQDV
HFNEDVLMELLEQCADGLWKAERYELIADIYKLIIPIYEKRRDFERLAHLYDTLHRAYSKVTEVMHSGRRLLGTYFRVAF
FGQGFFEDEDGKEYIYKEPKLTPLSEISQRLLKLYSDKFGSENVKMIQDSGKVNPKDLDSKYAYIQVTHVIPFFDEKELQ
ERKTEFERSHNIRRFMFEMPFTQTGKRQGGVEEQCKRRTILTAIHCFPYVKKRIPVMYQHHTDLNPIEVAIDEMSKKVAE
LRQLCSSAEVDMIKLQLKLQGSVSVQVNAGPLAYARAFLDDTNTKRYPDNKVKLLKEVFRQFVEACGQALAVNERLIKED
QLEYQEEMKANYREMAKELSEIMHEQLG
;
A
2 'polypeptide(L)'
;SHMQTIKCVVVGDGAVGKTCLLISYTTNKFPSEYVPTVFDNYAVTVMIGGEPYTLGLFDTAGQEDYDRLRPLSYPQTDVF
LVCFSVVSPSSFENVKEKWVPEITHHCPKTPFLLVGTQIDLRDDPSTIEKLAKNKQKPITPETAEKLARDLKAVKYVECS
ALTQKGLKNVFDEAILAALEPPEPKKSRRC
;
B
#
loop_
_chem_comp.id
_chem_comp.type
_chem_comp.name
_chem_comp.formula
GOL non-polymer GLYCEROL 'C3 H8 O3'
#
# COMPACT_ATOMS: atom_id res chain seq x y z
N SER A 5 -7.73 38.57 -21.92
CA SER A 5 -7.10 37.35 -22.43
C SER A 5 -6.48 36.48 -21.31
N THR A 6 -6.79 36.78 -20.05
CA THR A 6 -6.44 35.84 -18.99
C THR A 6 -7.13 34.47 -19.21
N PRO A 7 -8.44 34.47 -19.49
CA PRO A 7 -9.10 33.17 -19.73
C PRO A 7 -8.39 32.36 -20.81
N GLU A 8 -8.06 33.01 -21.91
CA GLU A 8 -7.29 32.38 -22.99
C GLU A 8 -5.93 31.91 -22.48
N LEU A 9 -5.29 32.72 -21.64
CA LEU A 9 -3.95 32.38 -21.14
C LEU A 9 -3.98 31.19 -20.16
N ARG A 10 -4.96 31.20 -19.27
CA ARG A 10 -5.19 30.09 -18.38
C ARG A 10 -5.44 28.80 -19.18
N LYS A 11 -6.30 28.86 -20.19
CA LYS A 11 -6.52 27.70 -21.06
C LYS A 11 -5.22 27.19 -21.67
N THR A 12 -4.38 28.12 -22.13
CA THR A 12 -3.12 27.75 -22.76
C THR A 12 -2.26 26.97 -21.79
N TRP A 13 -2.19 27.44 -20.56
CA TRP A 13 -1.39 26.78 -19.50
C TRP A 13 -1.96 25.39 -19.16
N LEU A 14 -3.27 25.35 -18.86
CA LEU A 14 -3.98 24.08 -18.64
C LEU A 14 -3.82 23.09 -19.82
N ASP A 15 -3.97 23.54 -21.06
CA ASP A 15 -3.78 22.65 -22.21
C ASP A 15 -2.35 22.08 -22.24
N SER A 16 -1.39 22.95 -21.91
CA SER A 16 0.03 22.58 -21.93
C SER A 16 0.32 21.57 -20.79
N MET A 17 -0.13 21.88 -19.58
CA MET A 17 -0.09 20.92 -18.47
C MET A 17 -0.65 19.55 -18.84
N ALA A 18 -1.80 19.53 -19.53
CA ALA A 18 -2.49 18.26 -19.87
C ALA A 18 -1.66 17.38 -20.78
N ARG A 19 -1.05 18.01 -21.78
CA ARG A 19 -0.18 17.29 -22.71
C ARG A 19 0.92 16.60 -21.96
N ILE A 20 1.59 17.33 -21.08
CA ILE A 20 2.63 16.73 -20.23
C ILE A 20 2.05 15.59 -19.39
N HIS A 21 0.88 15.79 -18.77
CA HIS A 21 0.29 14.70 -18.01
C HIS A 21 0.02 13.47 -18.87
N VAL A 22 -0.45 13.72 -20.09
CA VAL A 22 -0.69 12.62 -21.02
C VAL A 22 0.61 11.85 -21.36
N LYS A 23 1.68 12.54 -21.75
CA LYS A 23 2.96 11.86 -21.98
C LYS A 23 3.42 11.05 -20.75
N ASN A 24 3.17 11.57 -19.54
CA ASN A 24 3.61 10.92 -18.31
C ASN A 24 2.68 9.79 -17.87
N GLY A 25 1.50 9.70 -18.51
CA GLY A 25 0.54 8.66 -18.16
C GLY A 25 -0.33 8.99 -16.94
N ASP A 26 -0.33 10.27 -16.54
CA ASP A 26 -1.14 10.77 -15.43
C ASP A 26 -2.47 11.30 -15.97
N LEU A 27 -3.35 10.38 -16.31
CA LEU A 27 -4.48 10.71 -17.12
C LEU A 27 -5.60 11.40 -16.32
N SER A 28 -5.62 11.18 -14.99
CA SER A 28 -6.56 11.92 -14.10
C SER A 28 -6.24 13.41 -14.02
N GLU A 29 -4.94 13.73 -13.90
CA GLU A 29 -4.51 15.14 -13.95
C GLU A 29 -4.76 15.79 -15.33
N ALA A 30 -4.51 15.09 -16.43
CA ALA A 30 -4.96 15.59 -17.74
C ALA A 30 -6.48 15.86 -17.70
N ALA A 31 -7.22 14.90 -17.14
CA ALA A 31 -8.68 15.03 -17.17
C ALA A 31 -9.13 16.23 -16.36
N MET A 32 -8.52 16.47 -15.20
CA MET A 32 -8.88 17.65 -14.42
C MET A 32 -8.53 18.91 -15.20
N CYS A 33 -7.41 18.90 -15.91
CA CYS A 33 -7.08 20.04 -16.77
C CYS A 33 -8.21 20.28 -17.79
N TYR A 34 -8.75 19.23 -18.41
CA TYR A 34 -9.85 19.43 -19.38
C TYR A 34 -11.06 20.04 -18.66
N VAL A 35 -11.36 19.53 -17.47
CA VAL A 35 -12.51 20.01 -16.70
C VAL A 35 -12.35 21.49 -16.30
N HIS A 36 -11.17 21.87 -15.82
CA HIS A 36 -10.90 23.28 -15.50
C HIS A 36 -11.05 24.23 -16.71
N VAL A 37 -10.52 23.84 -17.88
CA VAL A 37 -10.70 24.63 -19.09
C VAL A 37 -12.19 24.72 -19.44
N THR A 38 -12.89 23.59 -19.35
CA THR A 38 -14.31 23.54 -19.71
C THR A 38 -15.10 24.42 -18.74
N ALA A 39 -14.76 24.35 -17.45
CA ALA A 39 -15.40 25.17 -16.44
C ALA A 39 -15.20 26.66 -16.72
N LEU A 40 -13.99 27.04 -17.17
CA LEU A 40 -13.76 28.46 -17.42
C LEU A 40 -14.49 28.97 -18.66
N VAL A 41 -14.62 28.12 -19.69
CA VAL A 41 -15.37 28.50 -20.86
C VAL A 41 -16.87 28.58 -20.49
N ALA A 42 -17.34 27.67 -19.63
CA ALA A 42 -18.73 27.65 -19.23
C ALA A 42 -19.08 28.89 -18.41
N GLU A 43 -18.21 29.24 -17.46
CA GLU A 43 -18.34 30.49 -16.71
C GLU A 43 -18.48 31.69 -17.65
N TYR A 44 -17.53 31.84 -18.57
CA TYR A 44 -17.60 32.91 -19.56
C TYR A 44 -18.94 32.92 -20.33
N LEU A 45 -19.28 31.78 -20.97
CA LEU A 45 -20.52 31.67 -21.73
C LEU A 45 -21.81 31.86 -20.91
N THR A 46 -21.85 31.42 -19.65
CA THR A 46 -23.03 31.69 -18.81
C THR A 46 -23.23 33.20 -18.57
N ARG A 47 -22.13 33.91 -18.32
CA ARG A 47 -22.17 35.36 -18.16
C ARG A 47 -22.67 36.09 -19.42
N LYS A 48 -22.28 35.59 -20.60
CA LYS A 48 -22.78 36.11 -21.86
C LYS A 48 -24.23 35.73 -22.13
N GLY A 49 -24.80 34.86 -21.28
CA GLY A 49 -26.16 34.35 -21.49
C GLY A 49 -26.26 33.24 -22.53
N VAL A 50 -25.13 32.67 -22.93
CA VAL A 50 -25.06 31.63 -23.97
C VAL A 50 -25.24 30.20 -23.44
N PHE A 51 -24.95 30.00 -22.15
CA PHE A 51 -25.00 28.69 -21.52
C PHE A 51 -25.60 28.90 -20.14
N ARG A 52 -26.32 27.93 -19.60
CA ARG A 52 -27.03 28.18 -18.34
C ARG A 52 -26.27 28.01 -16.99
N GLN A 53 -25.02 27.53 -17.00
CA GLN A 53 -24.22 27.53 -15.76
C GLN A 53 -22.71 27.41 -15.98
N GLY A 54 -21.93 28.07 -15.12
CA GLY A 54 -20.49 28.07 -15.27
C GLY A 54 -19.86 27.18 -14.21
N CYS A 55 -18.64 27.55 -13.78
CA CYS A 55 -17.85 26.91 -12.71
C CYS A 55 -18.55 25.92 -11.79
N THR A 56 -19.46 26.43 -10.97
CA THR A 56 -20.09 25.62 -9.93
C THR A 56 -20.79 24.37 -10.47
N ALA A 57 -21.14 24.34 -11.75
CA ALA A 57 -21.78 23.14 -12.27
C ALA A 57 -20.80 21.93 -12.25
N PHE A 58 -19.51 22.24 -12.12
CA PHE A 58 -18.43 21.27 -12.24
C PHE A 58 -17.84 20.94 -10.88
N ARG A 59 -18.39 21.59 -9.86
CA ARG A 59 -17.95 21.39 -8.50
C ARG A 59 -18.20 19.96 -8.04
N VAL A 60 -19.25 19.33 -8.56
CA VAL A 60 -19.47 17.95 -8.19
C VAL A 60 -18.33 17.08 -8.71
N ILE A 61 -17.83 17.41 -9.89
CA ILE A 61 -16.67 16.70 -10.41
C ILE A 61 -15.40 17.02 -9.60
N THR A 62 -15.14 18.30 -9.35
CA THR A 62 -14.02 18.69 -8.50
C THR A 62 -14.23 20.01 -7.78
N PRO A 63 -14.18 19.97 -6.44
CA PRO A 63 -14.27 21.20 -5.64
C PRO A 63 -13.18 22.22 -6.01
N ASN A 64 -12.07 21.77 -6.60
CA ASN A 64 -10.99 22.68 -6.97
C ASN A 64 -11.43 23.65 -8.04
N ILE A 65 -12.62 23.42 -8.59
CA ILE A 65 -13.07 24.23 -9.71
C ILE A 65 -13.14 25.71 -9.32
N ASP A 66 -13.27 25.96 -8.02
CA ASP A 66 -13.41 27.34 -7.54
C ASP A 66 -12.26 28.24 -7.96
N GLU A 67 -11.09 27.63 -8.11
CA GLU A 67 -9.89 28.33 -8.55
C GLU A 67 -10.07 29.06 -9.90
N GLU A 68 -10.95 28.54 -10.75
CA GLU A 68 -11.20 29.19 -12.05
C GLU A 68 -12.22 30.36 -12.01
N ALA A 69 -12.72 30.68 -10.81
CA ALA A 69 -13.78 31.71 -10.64
C ALA A 69 -13.65 32.92 -11.58
N ASP A 79 -13.88 35.66 -25.77
CA ASP A 79 -13.58 35.68 -27.19
C ASP A 79 -14.74 35.15 -28.05
N VAL A 80 -14.60 35.23 -29.37
CA VAL A 80 -15.43 34.43 -30.30
C VAL A 80 -14.56 33.21 -30.58
N HIS A 81 -13.48 33.14 -29.80
CA HIS A 81 -12.72 31.93 -29.61
C HIS A 81 -13.54 31.05 -28.66
N PHE A 82 -14.38 31.68 -27.83
CA PHE A 82 -15.31 30.94 -26.97
C PHE A 82 -16.77 31.06 -27.45
N ASN A 83 -17.38 29.92 -27.72
CA ASN A 83 -18.80 29.88 -28.08
C ASN A 83 -19.37 28.50 -27.79
N GLU A 84 -20.62 28.28 -28.17
CA GLU A 84 -21.32 27.06 -27.82
C GLU A 84 -20.62 25.83 -28.40
N ASP A 85 -20.22 25.92 -29.67
CA ASP A 85 -19.54 24.83 -30.36
C ASP A 85 -18.24 24.44 -29.66
N VAL A 86 -17.48 25.46 -29.24
CA VAL A 86 -16.26 25.22 -28.53
C VAL A 86 -16.58 24.53 -27.19
N LEU A 87 -17.57 25.04 -26.44
CA LEU A 87 -17.95 24.41 -25.17
C LEU A 87 -18.32 22.94 -25.38
N MET A 88 -19.06 22.67 -26.44
CA MET A 88 -19.50 21.30 -26.74
C MET A 88 -18.32 20.34 -26.96
N GLU A 89 -17.35 20.79 -27.74
CA GLU A 89 -16.17 19.98 -28.02
C GLU A 89 -15.37 19.80 -26.76
N LEU A 90 -15.32 20.81 -25.92
CA LEU A 90 -14.62 20.67 -24.63
C LEU A 90 -15.33 19.67 -23.70
N LEU A 91 -16.66 19.70 -23.70
CA LEU A 91 -17.41 18.74 -22.91
C LEU A 91 -17.12 17.33 -23.38
N GLU A 92 -17.17 17.12 -24.70
CA GLU A 92 -16.84 15.83 -25.28
C GLU A 92 -15.44 15.39 -24.87
N GLN A 93 -14.49 16.32 -24.90
CA GLN A 93 -13.13 16.01 -24.45
C GLN A 93 -13.07 15.61 -22.96
N CYS A 94 -13.82 16.29 -22.09
CA CYS A 94 -13.80 15.89 -20.67
C CYS A 94 -14.31 14.47 -20.54
N ALA A 95 -15.37 14.14 -21.27
CA ALA A 95 -15.94 12.81 -21.18
C ALA A 95 -14.90 11.75 -21.56
N ASP A 96 -14.26 11.93 -22.71
CA ASP A 96 -13.25 10.97 -23.12
C ASP A 96 -12.04 11.00 -22.17
N GLY A 97 -11.67 12.20 -21.70
CA GLY A 97 -10.58 12.32 -20.74
C GLY A 97 -10.83 11.52 -19.46
N LEU A 98 -12.06 11.62 -18.94
CA LEU A 98 -12.42 10.90 -17.73
C LEU A 98 -12.55 9.39 -17.95
N TRP A 99 -12.96 9.00 -19.15
CA TRP A 99 -12.93 7.61 -19.53
C TRP A 99 -11.50 7.08 -19.44
N LYS A 100 -10.57 7.79 -20.07
CA LYS A 100 -9.18 7.32 -20.10
C LYS A 100 -8.56 7.29 -18.69
N ALA A 101 -8.95 8.24 -17.84
CA ALA A 101 -8.48 8.28 -16.46
C ALA A 101 -9.15 7.20 -15.58
N GLU A 102 -10.06 6.44 -16.19
CA GLU A 102 -10.81 5.40 -15.48
C GLU A 102 -11.67 5.94 -14.34
N ARG A 103 -12.07 7.21 -14.43
CA ARG A 103 -13.01 7.75 -13.47
C ARG A 103 -14.42 7.75 -14.04
N TYR A 104 -14.89 6.55 -14.35
CA TYR A 104 -16.15 6.33 -15.10
C TYR A 104 -17.35 6.99 -14.43
N GLU A 105 -17.42 6.89 -13.11
CA GLU A 105 -18.53 7.45 -12.35
C GLU A 105 -18.75 8.93 -12.61
N LEU A 106 -17.77 9.65 -13.16
CA LEU A 106 -17.95 11.11 -13.32
C LEU A 106 -18.39 11.54 -14.74
N ILE A 107 -18.47 10.59 -15.66
CA ILE A 107 -18.81 10.95 -17.03
C ILE A 107 -20.21 11.57 -17.17
N ALA A 108 -21.21 11.03 -16.46
CA ALA A 108 -22.59 11.55 -16.56
C ALA A 108 -22.68 13.00 -16.12
N ASP A 109 -21.92 13.39 -15.11
CA ASP A 109 -21.91 14.79 -14.69
C ASP A 109 -21.52 15.72 -15.86
N ILE A 110 -20.56 15.30 -16.68
CA ILE A 110 -20.24 16.07 -17.89
C ILE A 110 -21.41 15.98 -18.88
N TYR A 111 -21.91 14.77 -19.13
CA TYR A 111 -22.86 14.65 -20.25
C TYR A 111 -24.23 15.30 -19.97
N LYS A 112 -24.64 15.35 -18.72
CA LYS A 112 -25.85 16.10 -18.38
C LYS A 112 -25.81 17.53 -18.91
N LEU A 113 -24.62 18.09 -19.11
CA LEU A 113 -24.50 19.49 -19.49
C LEU A 113 -24.69 19.69 -21.00
N ILE A 114 -24.52 18.62 -21.77
CA ILE A 114 -24.56 18.76 -23.21
C ILE A 114 -25.82 18.10 -23.78
N ILE A 115 -26.35 17.10 -23.07
CA ILE A 115 -27.55 16.42 -23.54
C ILE A 115 -28.69 17.34 -24.10
N PRO A 116 -29.07 18.39 -23.34
CA PRO A 116 -30.14 19.35 -23.75
C PRO A 116 -29.73 20.14 -24.99
N ILE A 117 -28.44 20.36 -25.20
CA ILE A 117 -27.98 21.05 -26.39
C ILE A 117 -28.19 20.13 -27.59
N TYR A 118 -27.73 18.90 -27.49
CA TYR A 118 -27.98 17.92 -28.56
C TYR A 118 -29.48 17.73 -28.81
N GLU A 119 -30.27 17.72 -27.75
CA GLU A 119 -31.71 17.54 -27.95
C GLU A 119 -32.25 18.73 -28.73
N LYS A 120 -31.99 19.93 -28.23
CA LYS A 120 -32.39 21.16 -28.92
C LYS A 120 -31.95 21.14 -30.40
N ARG A 121 -30.74 20.68 -30.71
CA ARG A 121 -30.30 20.63 -32.12
C ARG A 121 -30.77 19.38 -32.90
N ARG A 122 -31.60 18.54 -32.27
CA ARG A 122 -31.97 17.22 -32.82
C ARG A 122 -30.77 16.37 -33.24
N ASP A 123 -29.65 16.45 -32.53
CA ASP A 123 -28.48 15.70 -33.00
C ASP A 123 -28.53 14.34 -32.39
N PHE A 124 -29.25 13.44 -33.06
CA PHE A 124 -29.51 12.11 -32.54
C PHE A 124 -28.32 11.16 -32.62
N GLU A 125 -27.46 11.37 -33.59
CA GLU A 125 -26.26 10.55 -33.66
C GLU A 125 -25.32 10.86 -32.47
N ARG A 126 -25.20 12.13 -32.09
CA ARG A 126 -24.38 12.52 -30.93
C ARG A 126 -24.99 12.01 -29.62
N LEU A 127 -26.32 12.07 -29.52
CA LEU A 127 -26.99 11.51 -28.36
C LEU A 127 -26.68 10.01 -28.31
N ALA A 128 -26.83 9.31 -29.44
CA ALA A 128 -26.54 7.87 -29.46
C ALA A 128 -25.12 7.58 -28.96
N HIS A 129 -24.17 8.40 -29.39
CA HIS A 129 -22.78 8.20 -29.02
C HIS A 129 -22.53 8.35 -27.50
N LEU A 130 -23.05 9.43 -26.91
CA LEU A 130 -22.84 9.66 -25.49
C LEU A 130 -23.52 8.65 -24.58
N TYR A 131 -24.71 8.20 -24.99
CA TYR A 131 -25.38 7.13 -24.24
C TYR A 131 -24.63 5.81 -24.33
N ASP A 132 -24.02 5.54 -25.48
CA ASP A 132 -23.21 4.34 -25.62
C ASP A 132 -22.01 4.45 -24.64
N THR A 133 -21.35 5.60 -24.60
CA THR A 133 -20.29 5.80 -23.62
C THR A 133 -20.82 5.60 -22.19
N LEU A 134 -21.99 6.15 -21.87
CA LEU A 134 -22.47 6.03 -20.49
C LEU A 134 -22.75 4.59 -20.13
N HIS A 135 -23.35 3.86 -21.07
CA HIS A 135 -23.61 2.46 -20.85
C HIS A 135 -22.31 1.69 -20.57
N ARG A 136 -21.31 1.89 -21.40
CA ARG A 136 -20.02 1.26 -21.21
C ARG A 136 -19.39 1.70 -19.90
N ALA A 137 -19.51 2.98 -19.54
CA ALA A 137 -18.97 3.47 -18.30
C ALA A 137 -19.55 2.72 -17.08
N TYR A 138 -20.88 2.65 -16.99
CA TYR A 138 -21.51 1.91 -15.89
C TYR A 138 -21.26 0.40 -15.93
N SER A 139 -21.11 -0.16 -17.13
CA SER A 139 -20.62 -1.55 -17.20
C SER A 139 -19.21 -1.70 -16.63
N LYS A 140 -18.30 -0.78 -16.96
CA LYS A 140 -16.95 -0.85 -16.39
C LYS A 140 -17.04 -0.71 -14.88
N VAL A 141 -17.94 0.14 -14.42
CA VAL A 141 -18.05 0.37 -12.98
C VAL A 141 -18.38 -0.92 -12.23
N THR A 142 -19.43 -1.64 -12.66
CA THR A 142 -19.78 -2.88 -12.00
C THR A 142 -18.63 -3.92 -12.19
N GLU A 143 -18.01 -3.89 -13.35
CA GLU A 143 -16.93 -4.83 -13.62
C GLU A 143 -15.77 -4.60 -12.60
N VAL A 144 -15.15 -3.43 -12.62
CA VAL A 144 -14.04 -3.11 -11.69
C VAL A 144 -14.47 -3.12 -10.21
N MET A 145 -15.69 -2.73 -9.90
CA MET A 145 -16.16 -2.93 -8.51
C MET A 145 -16.09 -4.38 -8.08
N HIS A 146 -16.25 -5.31 -9.03
CA HIS A 146 -16.13 -6.71 -8.71
C HIS A 146 -14.68 -7.25 -8.76
N SER A 147 -13.93 -6.88 -9.79
CA SER A 147 -12.60 -7.40 -10.00
C SER A 147 -11.41 -6.68 -9.33
N GLY A 148 -11.62 -5.50 -8.77
CA GLY A 148 -10.54 -4.69 -8.21
C GLY A 148 -9.41 -4.34 -9.17
N ARG A 149 -9.64 -4.47 -10.47
CA ARG A 149 -8.58 -4.18 -11.42
C ARG A 149 -8.39 -2.67 -11.71
N ARG A 150 -9.17 -1.80 -11.05
CA ARG A 150 -8.96 -0.35 -11.21
C ARG A 150 -8.04 0.14 -10.09
N LEU A 151 -6.93 0.72 -10.51
CA LEU A 151 -5.88 1.20 -9.61
C LEU A 151 -5.69 2.69 -9.82
N LEU A 152 -6.33 3.50 -8.99
CA LEU A 152 -6.35 4.92 -9.22
C LEU A 152 -5.14 5.64 -8.60
N GLY A 153 -4.33 4.96 -7.78
CA GLY A 153 -3.09 5.58 -7.33
C GLY A 153 -2.75 5.45 -5.86
N THR A 154 -1.52 5.78 -5.51
CA THR A 154 -1.11 5.68 -4.13
C THR A 154 -0.48 7.04 -3.77
N TYR A 155 -0.46 7.37 -2.49
CA TYR A 155 -0.12 8.71 -2.04
C TYR A 155 1.02 8.67 -1.02
N PHE A 156 1.83 9.74 -1.03
CA PHE A 156 2.97 9.88 -0.15
C PHE A 156 3.09 11.35 0.27
N ARG A 157 3.45 11.56 1.53
CA ARG A 157 3.96 12.83 1.99
C ARG A 157 5.43 12.92 1.65
N VAL A 158 5.81 14.04 1.05
CA VAL A 158 7.16 14.27 0.65
C VAL A 158 7.55 15.62 1.19
N ALA A 159 8.71 15.71 1.80
CA ALA A 159 9.20 17.00 2.26
C ALA A 159 10.71 17.11 2.05
N PHE A 160 11.16 18.29 1.62
CA PHE A 160 12.58 18.50 1.30
C PHE A 160 13.21 19.45 2.31
N PHE A 161 14.51 19.30 2.52
CA PHE A 161 15.23 20.07 3.54
C PHE A 161 16.65 20.37 3.06
N GLY A 162 17.10 21.61 3.23
CA GLY A 162 18.43 22.01 2.83
C GLY A 162 18.39 23.30 2.05
N GLN A 163 18.42 24.42 2.77
CA GLN A 163 18.33 25.74 2.13
C GLN A 163 19.24 25.88 0.91
N GLY A 164 20.46 25.35 1.04
CA GLY A 164 21.50 25.56 0.04
C GLY A 164 21.19 24.88 -1.24
N PHE A 165 20.42 23.81 -1.11
CA PHE A 165 20.09 22.95 -2.24
C PHE A 165 18.73 23.29 -2.86
N PHE A 166 17.69 23.40 -2.02
CA PHE A 166 16.30 23.49 -2.52
C PHE A 166 15.77 24.92 -2.64
N GLU A 167 16.58 25.89 -2.24
CA GLU A 167 16.18 27.29 -2.26
C GLU A 167 14.84 27.45 -1.53
N ASP A 168 13.82 27.77 -2.32
CA ASP A 168 12.49 28.06 -1.82
C ASP A 168 11.71 26.80 -1.40
N GLU A 169 12.08 25.65 -1.97
CA GLU A 169 11.38 24.39 -1.68
C GLU A 169 11.69 23.88 -0.27
N ASP A 170 12.67 24.53 0.38
CA ASP A 170 13.16 24.06 1.69
C ASP A 170 12.11 24.09 2.85
N GLY A 171 11.80 22.93 3.42
CA GLY A 171 10.80 22.83 4.47
C GLY A 171 9.37 22.58 3.96
N LYS A 172 9.17 22.77 2.67
CA LYS A 172 7.84 22.59 2.10
C LYS A 172 7.41 21.10 2.08
N GLU A 173 6.21 20.82 2.60
CA GLU A 173 5.63 19.47 2.54
C GLU A 173 4.60 19.36 1.43
N TYR A 174 4.63 18.24 0.70
CA TYR A 174 3.62 17.97 -0.32
C TYR A 174 2.97 16.60 -0.09
N ILE A 175 1.77 16.44 -0.67
CA ILE A 175 1.27 15.11 -0.93
C ILE A 175 1.50 14.85 -2.40
N TYR A 176 2.12 13.71 -2.68
CA TYR A 176 2.36 13.24 -4.05
C TYR A 176 1.38 12.12 -4.36
N LYS A 177 0.75 12.23 -5.52
CA LYS A 177 -0.13 11.19 -5.98
C LYS A 177 0.64 10.44 -7.06
N GLU A 178 0.86 9.16 -6.82
CA GLU A 178 1.66 8.32 -7.71
C GLU A 178 0.76 7.34 -8.48
N PRO A 179 1.27 6.85 -9.61
CA PRO A 179 0.47 6.01 -10.52
C PRO A 179 0.23 4.65 -9.94
N LYS A 180 -0.96 4.08 -10.16
CA LYS A 180 -1.18 2.65 -9.95
C LYS A 180 -0.90 2.27 -8.50
N LEU A 181 0.00 1.31 -8.31
CA LEU A 181 0.31 0.84 -6.97
C LEU A 181 1.72 1.20 -6.51
N THR A 182 2.28 2.27 -7.08
CA THR A 182 3.61 2.72 -6.71
C THR A 182 3.83 2.59 -5.21
N PRO A 183 4.80 1.72 -4.84
CA PRO A 183 5.21 1.43 -3.46
C PRO A 183 6.29 2.42 -2.96
N LEU A 184 6.45 2.52 -1.65
CA LEU A 184 7.44 3.38 -1.04
C LEU A 184 8.85 3.14 -1.63
N SER A 185 9.21 1.87 -1.81
CA SER A 185 10.53 1.56 -2.32
C SER A 185 10.74 2.20 -3.67
N GLU A 186 9.69 2.29 -4.47
CA GLU A 186 9.82 2.88 -5.79
C GLU A 186 9.93 4.41 -5.77
N ILE A 187 9.01 5.12 -5.13
CA ILE A 187 9.10 6.60 -5.13
C ILE A 187 10.36 7.07 -4.36
N SER A 188 10.67 6.45 -3.25
CA SER A 188 11.83 6.88 -2.45
C SER A 188 13.11 6.73 -3.26
N GLN A 189 13.29 5.60 -3.94
CA GLN A 189 14.48 5.41 -4.78
C GLN A 189 14.46 6.35 -5.97
N ARG A 190 13.28 6.62 -6.52
CA ARG A 190 13.23 7.56 -7.64
C ARG A 190 13.69 8.96 -7.21
N LEU A 191 13.17 9.47 -6.09
CA LEU A 191 13.53 10.81 -5.68
C LEU A 191 14.99 10.84 -5.23
N LEU A 192 15.45 9.77 -4.60
CA LEU A 192 16.85 9.72 -4.19
C LEU A 192 17.74 9.88 -5.42
N LYS A 193 17.45 9.10 -6.46
CA LYS A 193 18.14 9.22 -7.75
C LYS A 193 18.07 10.65 -8.29
N LEU A 194 16.86 11.14 -8.52
CA LEU A 194 16.64 12.47 -9.08
C LEU A 194 17.57 13.51 -8.50
N TYR A 195 17.65 13.58 -7.17
CA TYR A 195 18.44 14.61 -6.50
C TYR A 195 19.91 14.22 -6.31
N SER A 196 20.18 12.93 -6.19
CA SER A 196 21.54 12.42 -6.17
C SER A 196 22.24 12.83 -7.46
N ASP A 197 21.51 12.65 -8.56
CA ASP A 197 22.00 13.09 -9.85
C ASP A 197 22.27 14.59 -9.90
N LYS A 198 21.37 15.41 -9.35
CA LYS A 198 21.53 16.86 -9.47
C LYS A 198 22.22 17.56 -8.30
N PHE A 199 22.86 16.81 -7.40
CA PHE A 199 23.57 17.38 -6.25
C PHE A 199 24.80 16.55 -5.86
N GLY A 200 24.84 15.31 -6.34
CA GLY A 200 25.88 14.38 -5.92
C GLY A 200 25.39 13.47 -4.81
N SER A 201 25.52 12.17 -5.05
CA SER A 201 25.04 11.15 -4.13
C SER A 201 25.52 11.34 -2.69
N GLU A 202 26.68 11.96 -2.51
CA GLU A 202 27.21 12.09 -1.17
C GLU A 202 26.67 13.33 -0.46
N ASN A 203 25.90 14.15 -1.16
CA ASN A 203 25.31 15.34 -0.54
C ASN A 203 23.80 15.20 -0.30
N VAL A 204 23.27 14.00 -0.57
CA VAL A 204 21.84 13.76 -0.44
C VAL A 204 21.54 12.65 0.54
N LYS A 205 20.67 12.93 1.51
CA LYS A 205 20.34 11.97 2.54
C LYS A 205 18.83 11.70 2.58
N MET A 206 18.47 10.42 2.73
CA MET A 206 17.07 10.06 2.94
C MET A 206 16.77 10.08 4.41
N ILE A 207 15.72 10.82 4.77
CA ILE A 207 15.21 10.79 6.13
C ILE A 207 14.11 9.74 6.20
N GLN A 208 14.37 8.69 6.96
CA GLN A 208 13.39 7.61 7.03
C GLN A 208 12.41 7.84 8.15
N ASP A 209 12.91 8.43 9.22
CA ASP A 209 12.08 8.78 10.34
C ASP A 209 10.86 9.53 9.80
N SER A 210 9.66 9.07 10.18
CA SER A 210 8.39 9.62 9.70
C SER A 210 7.90 10.75 10.60
N GLY A 211 8.59 10.96 11.73
CA GLY A 211 8.21 12.00 12.67
C GLY A 211 8.58 13.38 12.16
N LYS A 212 8.14 14.44 12.83
CA LYS A 212 8.50 15.79 12.43
C LYS A 212 10.01 15.87 12.53
N VAL A 213 10.64 16.48 11.54
CA VAL A 213 12.08 16.58 11.60
C VAL A 213 12.38 17.98 12.09
N ASN A 214 13.17 18.08 13.16
CA ASN A 214 13.59 19.39 13.64
C ASN A 214 14.80 19.84 12.81
N PRO A 215 14.63 20.92 12.03
CA PRO A 215 15.69 21.41 11.12
C PRO A 215 16.99 21.66 11.87
N LYS A 216 16.86 22.18 13.09
CA LYS A 216 18.01 22.44 13.95
C LYS A 216 18.97 21.24 14.13
N ASP A 217 18.50 20.02 13.85
CA ASP A 217 19.40 18.87 13.93
C ASP A 217 19.73 18.26 12.56
N LEU A 218 19.56 19.07 11.52
CA LEU A 218 19.98 18.70 10.18
C LEU A 218 21.34 19.31 9.88
N ASP A 219 22.11 18.67 9.01
CA ASP A 219 23.38 19.20 8.60
C ASP A 219 23.19 20.04 7.34
N SER A 220 23.37 21.36 7.49
CA SER A 220 23.30 22.32 6.37
C SER A 220 24.07 21.85 5.16
N LYS A 221 25.07 21.01 5.38
CA LYS A 221 25.89 20.51 4.28
C LYS A 221 25.12 19.61 3.32
N TYR A 222 23.96 19.11 3.74
CA TYR A 222 23.22 18.10 2.96
C TYR A 222 21.83 18.54 2.47
N ALA A 223 21.39 17.91 1.39
CA ALA A 223 19.99 17.94 0.98
C ALA A 223 19.28 16.68 1.53
N TYR A 224 18.26 16.87 2.35
CA TYR A 224 17.48 15.73 2.87
C TYR A 224 16.11 15.56 2.23
N ILE A 225 15.69 14.31 2.06
CA ILE A 225 14.36 14.02 1.56
C ILE A 225 13.61 13.07 2.50
N GLN A 226 12.44 13.48 2.96
CA GLN A 226 11.57 12.63 3.75
C GLN A 226 10.37 12.16 2.91
N VAL A 227 10.22 10.84 2.75
CA VAL A 227 9.06 10.23 2.10
C VAL A 227 8.29 9.31 3.05
N THR A 228 6.99 9.54 3.16
CA THR A 228 6.14 8.75 4.02
C THR A 228 4.81 8.39 3.33
N HIS A 229 4.53 7.09 3.29
CA HIS A 229 3.29 6.62 2.70
C HIS A 229 2.11 7.10 3.52
N VAL A 230 1.05 7.55 2.85
CA VAL A 230 -0.20 7.96 3.51
C VAL A 230 -1.41 7.33 2.80
N ILE A 231 -2.56 7.31 3.47
CA ILE A 231 -3.78 6.88 2.80
C ILE A 231 -4.82 7.94 3.02
N PRO A 232 -5.88 7.93 2.17
CA PRO A 232 -6.93 8.95 2.32
C PRO A 232 -7.57 8.78 3.68
N PHE A 233 -7.84 9.91 4.33
CA PHE A 233 -8.46 9.87 5.61
C PHE A 233 -9.90 10.37 5.58
N PHE A 234 -10.77 9.65 6.29
CA PHE A 234 -12.18 10.05 6.41
C PHE A 234 -12.69 9.90 7.83
N ASP A 235 -13.40 10.93 8.33
CA ASP A 235 -14.09 10.82 9.61
C ASP A 235 -15.36 9.96 9.45
N GLU A 236 -16.10 9.73 10.55
CA GLU A 236 -17.31 8.88 10.49
C GLU A 236 -18.38 9.39 9.54
N LYS A 237 -18.63 10.70 9.59
CA LYS A 237 -19.60 11.33 8.72
C LYS A 237 -19.22 11.17 7.24
N GLU A 238 -17.93 11.26 6.93
CA GLU A 238 -17.48 11.09 5.57
C GLU A 238 -17.57 9.63 5.15
N LEU A 239 -17.27 8.73 6.06
CA LEU A 239 -17.36 7.31 5.73
C LEU A 239 -18.78 6.92 5.36
N GLN A 240 -19.74 7.65 5.91
CA GLN A 240 -21.15 7.36 5.66
C GLN A 240 -21.60 7.99 4.34
N GLU A 241 -21.06 9.16 3.98
CA GLU A 241 -21.40 9.80 2.72
C GLU A 241 -20.68 9.15 1.54
N ARG A 242 -19.50 8.58 1.78
CA ARG A 242 -18.69 7.97 0.74
C ARG A 242 -18.76 6.48 0.87
N LYS A 243 -19.70 5.90 0.13
CA LYS A 243 -20.13 4.53 0.40
C LYS A 243 -19.46 3.49 -0.46
N THR A 244 -18.62 3.92 -1.41
CA THR A 244 -17.95 3.01 -2.32
C THR A 244 -16.44 3.28 -2.30
N GLU A 245 -15.66 2.36 -2.82
CA GLU A 245 -14.23 2.59 -2.94
C GLU A 245 -13.93 3.82 -3.83
N PHE A 246 -14.56 3.90 -5.00
CA PHE A 246 -14.42 5.11 -5.82
C PHE A 246 -14.69 6.42 -5.08
N GLU A 247 -15.76 6.46 -4.26
CA GLU A 247 -16.09 7.71 -3.57
C GLU A 247 -15.04 8.01 -2.48
N ARG A 248 -14.30 6.98 -2.06
CA ARG A 248 -13.20 7.16 -1.12
C ARG A 248 -11.86 7.28 -1.84
N SER A 249 -11.91 7.40 -3.16
CA SER A 249 -10.71 7.59 -3.99
C SER A 249 -10.80 8.84 -4.83
N HIS A 250 -11.84 9.62 -4.62
CA HIS A 250 -12.06 10.79 -5.48
C HIS A 250 -12.46 11.98 -4.64
N ASN A 251 -11.94 13.15 -5.02
CA ASN A 251 -12.10 14.37 -4.25
C ASN A 251 -11.66 14.18 -2.82
N ILE A 252 -10.38 13.84 -2.66
CA ILE A 252 -9.84 13.59 -1.34
C ILE A 252 -8.79 14.64 -0.94
N ARG A 253 -8.96 15.21 0.25
CA ARG A 253 -8.12 16.31 0.70
C ARG A 253 -7.24 15.92 1.90
N ARG A 254 -7.64 14.86 2.60
CA ARG A 254 -7.00 14.51 3.86
C ARG A 254 -6.36 13.13 3.78
N PHE A 255 -5.22 13.03 4.43
CA PHE A 255 -4.42 11.83 4.37
C PHE A 255 -3.88 11.51 5.76
N MET A 256 -3.60 10.25 6.00
CA MET A 256 -3.22 9.84 7.33
C MET A 256 -2.12 8.78 7.28
N PHE A 257 -1.22 8.79 8.24
CA PHE A 257 -0.38 7.63 8.50
C PHE A 257 -0.23 7.43 10.01
N GLU A 258 0.18 6.23 10.39
CA GLU A 258 0.30 5.83 11.76
C GLU A 258 1.76 5.58 12.06
N MET A 259 2.25 6.18 13.14
CA MET A 259 3.65 6.10 13.50
C MET A 259 3.82 5.54 14.91
N PRO A 260 4.69 4.53 15.05
CA PRO A 260 4.99 4.00 16.38
C PRO A 260 5.80 5.00 17.19
N PHE A 261 5.53 5.06 18.50
CA PHE A 261 6.42 5.70 19.46
C PHE A 261 6.29 5.08 20.86
N THR A 262 7.29 5.29 21.69
CA THR A 262 7.20 4.98 23.12
C THR A 262 7.53 6.25 23.91
N GLN A 263 7.07 6.30 25.16
CA GLN A 263 7.27 7.51 25.97
C GLN A 263 8.76 7.85 26.21
N THR A 264 9.57 6.82 26.39
CA THR A 264 11.01 7.00 26.52
C THR A 264 11.63 7.36 25.17
N GLY A 265 10.79 7.68 24.19
CA GLY A 265 11.18 8.09 22.85
C GLY A 265 12.27 7.32 22.11
N LYS A 266 11.92 6.51 21.11
CA LYS A 266 10.54 6.08 20.82
C LYS A 266 10.49 4.96 19.76
N ARG A 267 9.66 5.20 18.74
CA ARG A 267 9.34 4.21 17.72
C ARG A 267 8.95 2.83 18.27
N GLN A 268 9.82 1.85 18.07
CA GLN A 268 9.41 0.47 18.22
C GLN A 268 9.79 -0.15 19.56
N GLY A 269 8.78 -0.61 20.30
CA GLY A 269 9.01 -1.22 21.58
C GLY A 269 8.16 -2.45 21.77
N GLY A 270 8.01 -2.87 23.02
CA GLY A 270 7.18 -4.02 23.35
C GLY A 270 5.75 -3.58 23.51
N VAL A 271 4.84 -4.55 23.55
CA VAL A 271 3.41 -4.27 23.54
C VAL A 271 3.02 -3.41 24.73
N GLU A 272 3.70 -3.62 25.85
CA GLU A 272 3.38 -2.90 27.05
C GLU A 272 3.77 -1.42 26.93
N GLU A 273 4.78 -1.12 26.12
CA GLU A 273 5.25 0.26 25.98
C GLU A 273 4.85 0.94 24.66
N GLN A 274 4.20 0.22 23.75
CA GLN A 274 4.03 0.70 22.37
C GLN A 274 2.91 1.74 22.18
N CYS A 275 3.31 2.95 21.83
CA CYS A 275 2.29 3.94 21.43
C CYS A 275 2.23 4.09 19.90
N LYS A 276 1.25 4.87 19.46
CA LYS A 276 1.05 5.12 18.05
C LYS A 276 0.55 6.54 17.90
N ARG A 277 1.13 7.28 16.97
CA ARG A 277 0.57 8.58 16.61
C ARG A 277 -0.07 8.53 15.24
N ARG A 278 -1.32 8.95 15.18
CA ARG A 278 -2.02 9.04 13.91
C ARG A 278 -1.96 10.48 13.45
N THR A 279 -1.29 10.74 12.33
CA THR A 279 -1.18 12.11 11.82
C THR A 279 -2.14 12.32 10.64
N ILE A 280 -3.01 13.32 10.74
CA ILE A 280 -3.87 13.72 9.63
C ILE A 280 -3.37 14.98 8.93
N LEU A 281 -3.15 14.86 7.63
CA LEU A 281 -2.62 15.97 6.86
C LEU A 281 -3.65 16.42 5.84
N THR A 282 -3.81 17.74 5.73
CA THR A 282 -4.75 18.33 4.82
C THR A 282 -4.05 19.08 3.70
N ALA A 283 -4.35 18.68 2.46
CA ALA A 283 -3.76 19.34 1.30
C ALA A 283 -4.53 20.63 0.96
N ILE A 284 -3.91 21.58 0.27
CA ILE A 284 -4.58 22.84 -0.01
C ILE A 284 -5.64 22.64 -1.07
N HIS A 285 -5.42 21.68 -1.97
CA HIS A 285 -6.48 21.26 -2.89
C HIS A 285 -6.76 19.77 -2.74
N CYS A 286 -7.90 19.34 -3.27
CA CYS A 286 -8.33 17.94 -3.38
C CYS A 286 -7.65 17.21 -4.54
N PHE A 287 -7.47 15.90 -4.41
CA PHE A 287 -7.06 15.06 -5.52
C PHE A 287 -8.31 14.37 -6.10
N PRO A 288 -8.34 14.17 -7.41
CA PRO A 288 -7.24 14.59 -8.31
C PRO A 288 -7.38 16.06 -8.67
N TYR A 289 -6.30 16.65 -9.18
CA TYR A 289 -6.20 18.09 -9.41
C TYR A 289 -5.46 18.20 -10.74
N VAL A 290 -5.12 19.41 -11.15
CA VAL A 290 -4.37 19.64 -12.38
C VAL A 290 -2.87 19.40 -12.20
N LYS A 291 -2.47 19.10 -10.97
CA LYS A 291 -1.06 18.73 -10.69
C LYS A 291 -1.09 17.48 -9.84
N LYS A 292 -0.02 16.69 -9.89
CA LYS A 292 0.02 15.41 -9.19
C LYS A 292 0.70 15.55 -7.80
N ARG A 293 1.10 16.76 -7.43
CA ARG A 293 1.63 17.00 -6.09
C ARG A 293 1.05 18.31 -5.56
N ILE A 294 0.62 18.29 -4.30
CA ILE A 294 -0.14 19.40 -3.75
C ILE A 294 0.39 19.76 -2.37
N PRO A 295 0.67 21.06 -2.14
CA PRO A 295 1.14 21.51 -0.82
C PRO A 295 0.25 21.05 0.36
N VAL A 296 0.86 20.66 1.46
CA VAL A 296 0.15 20.42 2.70
C VAL A 296 -0.23 21.76 3.29
N MET A 297 -1.47 21.89 3.75
CA MET A 297 -1.99 23.15 4.26
C MET A 297 -1.91 23.17 5.80
N TYR A 298 -2.34 22.09 6.41
CA TYR A 298 -2.61 22.06 7.83
C TYR A 298 -2.41 20.62 8.23
N GLN A 299 -2.04 20.40 9.48
CA GLN A 299 -2.01 19.03 10.01
C GLN A 299 -2.18 18.96 11.51
N HIS A 300 -2.46 17.76 12.00
CA HIS A 300 -2.62 17.54 13.42
C HIS A 300 -2.52 16.05 13.66
N HIS A 301 -2.53 15.65 14.92
CA HIS A 301 -2.33 14.25 15.27
C HIS A 301 -3.07 13.85 16.56
N THR A 302 -3.14 12.54 16.77
CA THR A 302 -3.77 11.96 17.92
C THR A 302 -2.95 10.75 18.32
N ASP A 303 -2.58 10.69 19.60
CA ASP A 303 -1.81 9.58 20.14
C ASP A 303 -2.68 8.49 20.78
N LEU A 304 -2.28 7.24 20.65
CA LEU A 304 -2.95 6.11 21.29
C LEU A 304 -2.00 5.44 22.27
N ASN A 305 -2.58 4.91 23.37
CA ASN A 305 -1.92 4.12 24.43
C ASN A 305 -1.55 2.76 23.95
N PRO A 306 -0.67 2.08 24.71
CA PRO A 306 -0.40 0.69 24.34
C PRO A 306 -1.66 -0.17 24.41
N ILE A 307 -2.51 0.06 25.40
CA ILE A 307 -3.74 -0.72 25.45
C ILE A 307 -4.66 -0.30 24.29
N GLU A 308 -4.64 0.99 23.96
CA GLU A 308 -5.39 1.47 22.78
C GLU A 308 -4.87 0.88 21.47
N VAL A 309 -3.55 0.78 21.34
CA VAL A 309 -2.94 0.17 20.16
C VAL A 309 -3.36 -1.29 20.04
N ALA A 310 -3.22 -2.01 21.15
CA ALA A 310 -3.69 -3.38 21.26
C ALA A 310 -5.16 -3.55 20.81
N ILE A 311 -6.05 -2.71 21.35
CA ILE A 311 -7.47 -2.71 20.95
C ILE A 311 -7.62 -2.47 19.45
N ASP A 312 -6.85 -1.49 18.95
CA ASP A 312 -6.86 -1.13 17.55
C ASP A 312 -6.47 -2.31 16.66
N GLU A 313 -5.36 -2.95 16.98
CA GLU A 313 -4.88 -4.05 16.12
C GLU A 313 -5.83 -5.25 16.16
N MET A 314 -6.31 -5.60 17.36
CA MET A 314 -7.23 -6.73 17.50
C MET A 314 -8.48 -6.53 16.63
N SER A 315 -9.04 -5.33 16.64
CA SER A 315 -10.26 -5.07 15.89
C SER A 315 -10.06 -5.27 14.41
N LYS A 316 -8.96 -4.72 13.92
CA LYS A 316 -8.68 -4.77 12.50
C LYS A 316 -8.52 -6.24 12.10
N LYS A 317 -8.14 -7.07 13.06
CA LYS A 317 -8.03 -8.50 12.80
C LYS A 317 -9.38 -9.25 12.78
N VAL A 318 -10.30 -8.89 13.66
CA VAL A 318 -11.60 -9.55 13.65
C VAL A 318 -12.38 -9.13 12.40
N ALA A 319 -12.33 -7.84 12.10
CA ALA A 319 -13.02 -7.32 10.91
C ALA A 319 -12.47 -8.02 9.70
N GLU A 320 -11.16 -8.22 9.70
CA GLU A 320 -10.47 -8.83 8.58
C GLU A 320 -10.96 -10.26 8.37
N LEU A 321 -11.02 -11.04 9.46
CA LEU A 321 -11.40 -12.44 9.36
C LEU A 321 -12.88 -12.54 8.98
N ARG A 322 -13.68 -11.60 9.48
CA ARG A 322 -15.10 -11.55 9.15
C ARG A 322 -15.31 -11.30 7.68
N GLN A 323 -14.74 -10.21 7.18
CA GLN A 323 -14.86 -9.86 5.77
C GLN A 323 -14.55 -11.10 4.91
N LEU A 324 -13.46 -11.76 5.26
CA LEU A 324 -12.98 -12.91 4.50
C LEU A 324 -14.01 -14.03 4.49
N CYS A 325 -14.73 -14.18 5.61
CA CYS A 325 -15.72 -15.25 5.76
C CYS A 325 -17.06 -14.86 5.16
N SER A 326 -17.42 -13.59 5.31
CA SER A 326 -18.69 -13.08 4.82
C SER A 326 -18.80 -13.06 3.29
N SER A 327 -17.70 -13.34 2.60
CA SER A 327 -17.67 -13.21 1.14
C SER A 327 -18.63 -14.18 0.45
N ALA A 328 -19.19 -13.72 -0.67
CA ALA A 328 -19.99 -14.58 -1.52
C ALA A 328 -19.17 -15.83 -1.81
N GLU A 329 -18.08 -15.63 -2.54
CA GLU A 329 -17.08 -16.69 -2.73
C GLU A 329 -15.84 -16.36 -1.89
N VAL A 330 -15.42 -17.32 -1.08
CA VAL A 330 -14.29 -17.10 -0.20
C VAL A 330 -12.97 -17.34 -0.94
N ASP A 331 -11.97 -16.50 -0.63
CA ASP A 331 -10.60 -16.68 -1.15
C ASP A 331 -9.80 -17.49 -0.13
N MET A 332 -9.62 -18.77 -0.40
CA MET A 332 -9.07 -19.72 0.58
C MET A 332 -7.66 -19.37 1.09
N ILE A 333 -6.68 -19.34 0.20
CA ILE A 333 -5.34 -18.83 0.51
C ILE A 333 -5.32 -17.59 1.43
N LYS A 334 -6.03 -16.53 1.03
CA LYS A 334 -6.02 -15.30 1.83
C LYS A 334 -6.68 -15.54 3.19
N LEU A 335 -7.68 -16.43 3.20
CA LEU A 335 -8.32 -16.78 4.45
C LEU A 335 -7.32 -17.54 5.34
N GLN A 336 -6.65 -18.52 4.74
CA GLN A 336 -5.60 -19.27 5.43
C GLN A 336 -4.47 -18.37 5.94
N LEU A 337 -4.02 -17.43 5.11
CA LEU A 337 -2.94 -16.53 5.47
C LEU A 337 -3.28 -15.83 6.77
N LYS A 338 -4.47 -15.25 6.80
CA LYS A 338 -4.94 -14.49 7.95
C LYS A 338 -5.26 -15.36 9.17
N LEU A 339 -5.86 -16.52 8.91
CA LEU A 339 -6.24 -17.44 10.00
C LEU A 339 -5.00 -18.03 10.68
N GLN A 340 -4.13 -18.64 9.88
CA GLN A 340 -2.86 -19.14 10.38
C GLN A 340 -2.11 -18.08 11.21
N GLY A 341 -2.14 -16.83 10.74
CA GLY A 341 -1.37 -15.78 11.38
C GLY A 341 -2.01 -15.25 12.64
N SER A 342 -3.23 -15.70 12.90
CA SER A 342 -3.90 -15.37 14.14
C SER A 342 -3.75 -16.51 15.16
N VAL A 343 -3.99 -17.75 14.72
CA VAL A 343 -3.94 -18.90 15.64
C VAL A 343 -2.63 -19.71 15.66
N SER A 344 -1.93 -19.82 14.54
CA SER A 344 -0.64 -20.52 14.49
C SER A 344 0.58 -19.60 14.29
N VAL A 345 0.78 -18.64 15.19
CA VAL A 345 1.86 -17.67 15.06
C VAL A 345 3.24 -18.30 15.33
N GLN A 346 4.15 -18.17 14.37
CA GLN A 346 5.49 -18.70 14.51
C GLN A 346 6.50 -17.63 14.94
N VAL A 347 6.44 -16.47 14.28
CA VAL A 347 7.52 -15.48 14.39
C VAL A 347 7.21 -14.38 15.42
N ASN A 348 6.08 -13.70 15.26
CA ASN A 348 5.76 -12.60 16.15
C ASN A 348 5.19 -13.07 17.51
N ALA A 349 4.89 -12.14 18.39
CA ALA A 349 4.52 -12.47 19.77
C ALA A 349 3.20 -13.25 19.95
N GLY A 350 2.30 -13.15 18.98
CA GLY A 350 0.98 -13.77 19.10
C GLY A 350 -0.06 -12.90 19.81
N PRO A 351 -1.32 -13.03 19.39
CA PRO A 351 -2.48 -12.32 19.95
C PRO A 351 -2.56 -12.41 21.48
N LEU A 352 -2.17 -13.56 22.04
CA LEU A 352 -2.20 -13.76 23.49
C LEU A 352 -1.37 -12.75 24.28
N ALA A 353 -0.31 -12.23 23.66
CA ALA A 353 0.61 -11.31 24.34
C ALA A 353 -0.14 -10.06 24.81
N TYR A 354 -1.16 -9.68 24.06
CA TYR A 354 -2.03 -8.58 24.45
C TYR A 354 -2.86 -8.93 25.70
N ALA A 355 -3.42 -10.14 25.71
CA ALA A 355 -4.19 -10.65 26.85
C ALA A 355 -3.36 -10.71 28.14
N ARG A 356 -2.16 -11.29 28.05
CA ARG A 356 -1.28 -11.35 29.20
C ARG A 356 -0.94 -9.94 29.69
N ALA A 357 -0.64 -9.04 28.76
CA ALA A 357 -0.04 -7.77 29.17
C ALA A 357 -1.00 -6.77 29.81
N PHE A 358 -2.28 -6.80 29.45
CA PHE A 358 -3.17 -5.73 29.87
C PHE A 358 -4.26 -6.17 30.87
N LEU A 359 -4.95 -8.41 30.19
CA LEU A 359 -6.21 -8.88 30.78
C LEU A 359 -5.97 -9.74 32.01
N ASP A 360 -4.80 -9.60 32.63
CA ASP A 360 -4.47 -10.40 33.80
C ASP A 360 -5.00 -9.74 35.08
N ASP A 361 -5.79 -10.51 35.84
CA ASP A 361 -6.43 -10.00 37.04
C ASP A 361 -5.40 -9.34 37.96
N ASP A 369 -6.98 0.89 33.65
CA ASP A 369 -8.04 1.84 33.30
C ASP A 369 -9.21 1.11 32.61
N ASN A 370 -10.41 1.17 33.21
CA ASN A 370 -11.51 0.24 32.89
C ASN A 370 -12.05 0.17 31.46
N LYS A 371 -11.31 0.77 30.51
CA LYS A 371 -11.42 0.46 29.09
C LYS A 371 -10.62 -0.84 28.81
N VAL A 372 -10.10 -1.43 29.87
CA VAL A 372 -9.69 -2.82 29.86
C VAL A 372 -10.88 -3.61 29.40
N LYS A 373 -12.06 -3.16 29.83
CA LYS A 373 -13.33 -3.77 29.45
C LYS A 373 -13.41 -3.98 27.94
N LEU A 374 -13.23 -2.90 27.19
CA LEU A 374 -13.31 -2.94 25.72
C LEU A 374 -12.32 -3.91 25.03
N LEU A 375 -11.08 -4.00 25.51
CA LEU A 375 -10.12 -4.96 25.01
C LEU A 375 -10.65 -6.36 25.21
N LYS A 376 -11.34 -6.57 26.33
CA LYS A 376 -12.00 -7.85 26.60
C LYS A 376 -13.07 -8.12 25.54
N GLU A 377 -13.94 -7.14 25.32
CA GLU A 377 -14.95 -7.23 24.28
C GLU A 377 -14.33 -7.72 22.98
N VAL A 378 -13.44 -6.91 22.40
CA VAL A 378 -12.74 -7.28 21.17
C VAL A 378 -12.19 -8.72 21.14
N PHE A 379 -11.50 -9.11 22.21
CA PHE A 379 -11.02 -10.48 22.32
C PHE A 379 -12.14 -11.54 22.26
N ARG A 380 -13.33 -11.17 22.75
CA ARG A 380 -14.52 -12.02 22.60
C ARG A 380 -14.87 -12.27 21.12
N GLN A 381 -14.94 -11.19 20.33
CA GLN A 381 -15.26 -11.36 18.90
C GLN A 381 -14.13 -12.08 18.15
N PHE A 382 -12.89 -11.89 18.61
CA PHE A 382 -11.72 -12.46 17.95
C PHE A 382 -11.74 -14.01 17.98
N VAL A 383 -12.04 -14.57 19.15
CA VAL A 383 -12.13 -16.03 19.31
C VAL A 383 -13.26 -16.63 18.45
N GLU A 384 -14.39 -15.93 18.40
CA GLU A 384 -15.53 -16.31 17.56
C GLU A 384 -15.19 -16.22 16.08
N ALA A 385 -14.63 -15.07 15.68
CA ALA A 385 -14.10 -14.89 14.33
C ALA A 385 -13.11 -15.99 13.89
N CYS A 386 -12.12 -16.31 14.71
CA CYS A 386 -11.18 -17.38 14.37
C CYS A 386 -11.96 -18.68 14.25
N GLY A 387 -12.93 -18.83 15.14
CA GLY A 387 -13.85 -19.97 15.12
C GLY A 387 -14.54 -20.07 13.79
N GLN A 388 -15.19 -19.00 13.38
CA GLN A 388 -15.87 -18.98 12.08
C GLN A 388 -14.89 -19.29 10.94
N ALA A 389 -13.70 -18.69 10.99
CA ALA A 389 -12.68 -18.91 9.97
C ALA A 389 -12.32 -20.40 9.86
N LEU A 390 -12.18 -21.06 11.00
CA LEU A 390 -11.92 -22.49 10.99
C LEU A 390 -13.05 -23.25 10.29
N ALA A 391 -14.28 -23.02 10.74
CA ALA A 391 -15.43 -23.71 10.14
C ALA A 391 -15.40 -23.57 8.62
N VAL A 392 -15.31 -22.32 8.14
CA VAL A 392 -15.25 -22.04 6.72
C VAL A 392 -14.12 -22.81 6.05
N ASN A 393 -12.92 -22.73 6.61
CA ASN A 393 -11.77 -23.38 5.99
C ASN A 393 -11.95 -24.90 5.86
N GLU A 394 -12.64 -25.49 6.84
CA GLU A 394 -12.88 -26.93 6.84
C GLU A 394 -13.55 -27.39 5.53
N ARG A 395 -14.52 -26.60 5.06
CA ARG A 395 -15.25 -26.91 3.81
C ARG A 395 -14.48 -26.59 2.51
N LEU A 396 -13.37 -25.87 2.62
CA LEU A 396 -12.61 -25.49 1.41
C LEU A 396 -11.38 -26.35 1.18
N ILE A 397 -10.86 -26.93 2.26
CA ILE A 397 -9.60 -27.68 2.17
C ILE A 397 -9.73 -28.98 1.36
N LYS A 398 -8.67 -29.29 0.62
CA LYS A 398 -8.70 -30.42 -0.31
C LYS A 398 -7.84 -31.60 0.18
N GLU A 399 -7.94 -31.92 1.47
CA GLU A 399 -7.28 -33.10 2.05
C GLU A 399 -5.78 -32.92 2.24
N ASP A 400 -5.08 -32.62 1.14
CA ASP A 400 -3.64 -32.38 1.17
C ASP A 400 -3.27 -31.35 2.26
N GLN A 401 -4.27 -30.58 2.66
CA GLN A 401 -4.15 -29.80 3.88
C GLN A 401 -4.71 -30.68 5.00
N LEU A 402 -5.85 -30.37 5.59
CA LEU A 402 -6.42 -31.30 6.58
C LEU A 402 -5.52 -31.50 7.82
N GLU A 403 -4.32 -32.03 7.64
CA GLU A 403 -3.37 -31.98 8.76
C GLU A 403 -3.13 -30.52 9.20
N TYR A 404 -2.61 -29.71 8.27
CA TYR A 404 -2.53 -28.27 8.45
C TYR A 404 -3.77 -27.71 9.14
N GLN A 405 -4.93 -27.97 8.57
CA GLN A 405 -6.19 -27.53 9.19
C GLN A 405 -6.36 -28.09 10.61
N GLU A 406 -5.94 -29.33 10.84
CA GLU A 406 -6.06 -29.97 12.16
C GLU A 406 -5.26 -29.25 13.22
N GLU A 407 -4.00 -29.02 12.91
CA GLU A 407 -3.09 -28.25 13.75
C GLU A 407 -3.70 -26.90 14.17
N MET A 408 -4.15 -26.11 13.19
CA MET A 408 -4.71 -24.79 13.48
C MET A 408 -5.90 -24.89 14.43
N LYS A 409 -6.70 -25.95 14.23
CA LYS A 409 -7.82 -26.25 15.11
C LYS A 409 -7.28 -26.53 16.51
N ALA A 410 -6.29 -27.40 16.60
CA ALA A 410 -5.60 -27.67 17.87
C ALA A 410 -5.02 -26.39 18.50
N ASN A 411 -4.35 -25.58 17.69
CA ASN A 411 -3.81 -24.30 18.15
C ASN A 411 -4.90 -23.37 18.68
N TYR A 412 -6.02 -23.34 17.98
CA TYR A 412 -7.14 -22.50 18.33
C TYR A 412 -7.75 -22.92 19.66
N ARG A 413 -7.93 -24.22 19.86
CA ARG A 413 -8.43 -24.77 21.12
C ARG A 413 -7.52 -24.34 22.27
N GLU A 414 -6.24 -24.69 22.14
CA GLU A 414 -5.23 -24.30 23.13
C GLU A 414 -5.35 -22.83 23.51
N MET A 415 -5.41 -21.97 22.48
CA MET A 415 -5.46 -20.52 22.67
C MET A 415 -6.71 -20.06 23.45
N ALA A 416 -7.86 -20.64 23.11
CA ALA A 416 -9.11 -20.38 23.80
C ALA A 416 -9.00 -20.72 25.28
N LYS A 417 -8.44 -21.88 25.58
CA LYS A 417 -8.20 -22.31 26.97
C LYS A 417 -7.45 -21.24 27.77
N GLU A 418 -6.32 -20.78 27.24
CA GLU A 418 -5.54 -19.75 27.92
C GLU A 418 -6.29 -18.43 28.18
N LEU A 419 -7.01 -17.92 27.18
CA LEU A 419 -7.77 -16.68 27.35
C LEU A 419 -8.84 -16.80 28.45
N SER A 420 -9.24 -18.02 28.75
CA SER A 420 -10.16 -18.26 29.85
C SER A 420 -9.38 -18.20 31.17
N GLU A 421 -8.25 -18.89 31.20
CA GLU A 421 -7.35 -18.81 32.35
C GLU A 421 -7.15 -17.35 32.74
N ILE A 422 -7.22 -16.47 31.74
CA ILE A 422 -6.98 -15.05 31.95
C ILE A 422 -8.28 -14.25 32.19
N MET A 423 -9.26 -14.41 31.32
CA MET A 423 -10.50 -13.63 31.44
C MET A 423 -11.48 -14.28 32.43
N HIS A 424 -11.11 -15.46 32.92
CA HIS A 424 -12.01 -16.29 33.71
C HIS A 424 -13.38 -16.30 33.04
N GLU A 425 -13.44 -16.88 31.84
CA GLU A 425 -14.69 -16.97 31.08
C GLU A 425 -14.69 -18.20 30.18
N GLN A 426 -15.83 -18.47 29.53
CA GLN A 426 -15.94 -19.56 28.55
C GLN A 426 -14.96 -19.40 27.38
N LEU A 427 -15.48 -19.37 26.15
CA LEU A 427 -14.68 -19.14 24.95
C LEU A 427 -14.06 -20.43 24.40
N SER B 1 -12.18 -12.54 -13.60
CA SER B 1 -12.97 -11.64 -12.75
C SER B 1 -12.27 -11.34 -11.43
N HIS B 2 -12.77 -11.90 -10.32
CA HIS B 2 -12.17 -11.62 -9.01
C HIS B 2 -10.66 -11.84 -9.07
N MET B 3 -9.94 -10.97 -8.39
CA MET B 3 -8.47 -10.99 -8.45
C MET B 3 -7.91 -12.26 -7.78
N GLN B 4 -6.79 -12.77 -8.32
CA GLN B 4 -6.22 -14.05 -7.88
C GLN B 4 -5.10 -13.95 -6.84
N THR B 5 -5.16 -14.82 -5.82
CA THR B 5 -4.28 -14.72 -4.63
C THR B 5 -3.12 -15.72 -4.55
N ILE B 6 -2.00 -15.33 -5.13
CA ILE B 6 -0.78 -16.13 -5.15
C ILE B 6 -0.24 -16.52 -3.74
N LYS B 7 0.05 -17.80 -3.53
CA LYS B 7 0.64 -18.25 -2.26
C LYS B 7 2.15 -18.23 -2.30
N CYS B 8 2.77 -17.36 -1.50
CA CYS B 8 4.22 -17.30 -1.43
C CYS B 8 4.70 -17.57 0.01
N VAL B 9 5.46 -18.65 0.17
CA VAL B 9 6.01 -19.02 1.47
C VAL B 9 7.46 -18.56 1.61
N VAL B 10 7.75 -17.92 2.72
CA VAL B 10 9.05 -17.31 2.90
C VAL B 10 9.84 -18.07 3.97
N VAL B 11 11.00 -18.60 3.61
CA VAL B 11 11.85 -19.30 4.58
C VAL B 11 13.28 -18.79 4.58
N GLY B 12 13.97 -19.08 5.70
CA GLY B 12 15.37 -18.71 5.85
C GLY B 12 15.70 -18.54 7.31
N ASP B 13 16.99 -18.40 7.63
CA ASP B 13 17.44 -18.26 9.00
C ASP B 13 16.79 -17.10 9.72
N GLY B 14 16.75 -17.19 11.04
CA GLY B 14 15.95 -16.30 11.85
C GLY B 14 16.45 -14.90 12.09
N ALA B 15 17.74 -14.66 11.80
CA ALA B 15 18.25 -13.31 12.01
C ALA B 15 18.84 -12.67 10.77
N VAL B 16 18.26 -12.97 9.61
CA VAL B 16 18.68 -12.45 8.32
C VAL B 16 17.78 -11.27 7.87
N GLY B 17 16.81 -10.91 8.69
CA GLY B 17 15.97 -9.75 8.43
C GLY B 17 14.76 -10.08 7.56
N LYS B 18 14.37 -11.34 7.52
CA LYS B 18 13.37 -11.71 6.54
C LYS B 18 11.99 -11.14 6.93
N THR B 19 11.58 -11.28 8.18
CA THR B 19 10.30 -10.74 8.58
C THR B 19 10.30 -9.24 8.39
N CYS B 20 11.39 -8.60 8.81
CA CYS B 20 11.54 -7.16 8.68
C CYS B 20 11.24 -6.69 7.24
N LEU B 21 11.81 -7.35 6.27
CA LEU B 21 11.58 -6.95 4.91
C LEU B 21 10.17 -7.28 4.39
N LEU B 22 9.57 -8.36 4.89
CA LEU B 22 8.16 -8.62 4.57
C LEU B 22 7.22 -7.52 5.12
N ILE B 23 7.44 -7.13 6.38
CA ILE B 23 6.63 -6.09 6.99
C ILE B 23 6.87 -4.75 6.29
N SER B 24 8.14 -4.42 6.00
CA SER B 24 8.46 -3.11 5.42
C SER B 24 7.78 -2.97 4.07
N TYR B 25 7.98 -3.95 3.21
CA TYR B 25 7.39 -3.92 1.89
C TYR B 25 5.86 -3.83 1.90
N THR B 26 5.19 -4.65 2.69
CA THR B 26 3.73 -4.78 2.64
C THR B 26 3.02 -3.60 3.33
N THR B 27 3.66 -2.99 4.30
CA THR B 27 3.16 -1.75 4.91
C THR B 27 3.65 -0.46 4.21
N ASN B 28 4.58 -0.55 3.24
CA ASN B 28 5.12 0.67 2.64
C ASN B 28 5.74 1.59 3.71
N LYS B 29 6.52 1.00 4.60
CA LYS B 29 7.16 1.70 5.68
C LYS B 29 8.64 1.33 5.67
N PHE B 30 9.51 2.32 5.92
CA PHE B 30 10.90 2.03 6.22
C PHE B 30 10.96 1.10 7.46
N PRO B 31 12.02 0.29 7.56
CA PRO B 31 12.10 -0.76 8.61
C PRO B 31 11.91 -0.23 10.03
N SER B 32 12.37 0.99 10.29
CA SER B 32 12.24 1.57 11.63
C SER B 32 10.88 2.19 11.92
N GLU B 33 10.02 2.32 10.91
CA GLU B 33 8.83 3.15 11.06
C GLU B 33 7.50 2.40 11.20
N TYR B 34 7.51 1.09 11.02
CA TYR B 34 6.22 0.39 11.10
C TYR B 34 5.82 0.05 12.54
N VAL B 35 4.51 0.09 12.78
CA VAL B 35 3.93 -0.41 14.02
C VAL B 35 4.12 -1.91 14.15
N PRO B 36 4.78 -2.35 15.23
CA PRO B 36 5.00 -3.79 15.36
C PRO B 36 3.66 -4.51 15.45
N THR B 37 3.61 -5.72 14.96
CA THR B 37 2.41 -6.55 14.98
C THR B 37 2.73 -7.83 15.76
N VAL B 38 1.74 -8.35 16.49
CA VAL B 38 1.88 -9.65 17.14
C VAL B 38 1.40 -10.77 16.23
N PHE B 39 0.82 -10.40 15.10
CA PHE B 39 0.36 -11.38 14.12
C PHE B 39 1.43 -11.75 13.09
N ASP B 40 1.27 -12.92 12.47
CA ASP B 40 2.19 -13.32 11.41
C ASP B 40 1.49 -13.22 10.05
N ASN B 41 2.30 -13.16 8.99
CA ASN B 41 1.82 -13.23 7.61
C ASN B 41 1.31 -11.90 7.06
N TYR B 42 1.41 -11.73 5.75
CA TYR B 42 1.19 -10.41 5.11
C TYR B 42 0.59 -10.51 3.73
N ALA B 43 -0.28 -9.57 3.40
CA ALA B 43 -0.85 -9.54 2.04
C ALA B 43 -0.56 -8.19 1.44
N VAL B 44 -0.23 -8.18 0.16
CA VAL B 44 0.09 -6.96 -0.56
C VAL B 44 -0.39 -7.13 -1.99
N THR B 45 -0.89 -6.05 -2.55
CA THR B 45 -1.37 -6.07 -3.92
C THR B 45 -0.27 -5.46 -4.79
N VAL B 46 0.08 -6.16 -5.85
CA VAL B 46 1.16 -5.74 -6.72
C VAL B 46 0.70 -5.71 -8.17
N MET B 47 1.21 -4.78 -8.96
CA MET B 47 0.86 -4.72 -10.36
C MET B 47 1.95 -5.33 -11.24
N ILE B 48 1.57 -6.34 -12.02
CA ILE B 48 2.49 -7.02 -12.92
C ILE B 48 1.87 -7.10 -14.32
N GLY B 49 2.67 -6.82 -15.35
CA GLY B 49 2.19 -6.72 -16.72
C GLY B 49 0.85 -5.98 -16.83
N GLY B 50 0.74 -4.86 -16.14
CA GLY B 50 -0.49 -4.09 -16.15
C GLY B 50 -1.65 -4.64 -15.33
N GLU B 51 -1.47 -5.79 -14.68
CA GLU B 51 -2.57 -6.39 -13.94
C GLU B 51 -2.28 -6.47 -12.44
N PRO B 52 -3.29 -6.25 -11.60
CA PRO B 52 -3.08 -6.36 -10.15
C PRO B 52 -3.08 -7.83 -9.72
N TYR B 53 -2.42 -8.13 -8.60
CA TYR B 53 -2.31 -9.47 -8.04
C TYR B 53 -2.24 -9.34 -6.54
N THR B 54 -3.00 -10.15 -5.82
CA THR B 54 -2.79 -10.19 -4.38
C THR B 54 -1.69 -11.22 -4.06
N LEU B 55 -0.63 -10.76 -3.40
CA LEU B 55 0.47 -11.64 -2.99
C LEU B 55 0.34 -11.94 -1.50
N GLY B 56 0.12 -13.22 -1.20
CA GLY B 56 0.07 -13.72 0.16
C GLY B 56 1.45 -14.21 0.57
N LEU B 57 2.04 -13.51 1.53
CA LEU B 57 3.36 -13.85 2.02
C LEU B 57 3.21 -14.58 3.36
N PHE B 58 3.51 -15.87 3.34
CA PHE B 58 3.44 -16.70 4.54
C PHE B 58 4.81 -16.74 5.15
N ASP B 59 4.92 -16.19 6.35
CA ASP B 59 6.19 -16.14 7.06
C ASP B 59 6.42 -17.46 7.84
N THR B 60 7.66 -17.87 8.01
CA THR B 60 7.94 -19.05 8.81
C THR B 60 9.03 -18.74 9.83
N ALA B 61 9.06 -19.50 10.92
CA ALA B 61 10.21 -19.47 11.82
C ALA B 61 11.38 -20.27 11.24
N GLY B 62 12.57 -19.69 11.23
CA GLY B 62 13.76 -20.37 10.75
C GLY B 62 14.42 -21.28 11.79
N GLN B 63 13.91 -21.28 13.01
CA GLN B 63 14.51 -22.09 14.09
C GLN B 63 14.05 -23.55 14.03
N GLU B 64 14.84 -24.42 14.65
CA GLU B 64 14.65 -25.87 14.66
C GLU B 64 13.46 -26.28 15.52
N ASP B 65 13.17 -25.48 16.53
CA ASP B 65 11.94 -25.67 17.30
C ASP B 65 10.71 -25.83 16.40
N TYR B 66 10.86 -25.54 15.11
CA TYR B 66 9.70 -25.43 14.20
C TYR B 66 9.78 -26.30 12.96
N ASP B 67 10.83 -27.11 12.89
CA ASP B 67 10.99 -28.06 11.79
C ASP B 67 9.75 -28.91 11.56
N ARG B 68 9.04 -29.20 12.63
CA ARG B 68 7.87 -30.08 12.54
C ARG B 68 6.67 -29.37 11.92
N LEU B 69 6.26 -28.27 12.53
CA LEU B 69 5.09 -27.53 12.12
C LEU B 69 5.25 -26.78 10.78
N ARG B 70 6.45 -26.24 10.52
CA ARG B 70 6.66 -25.36 9.37
C ARG B 70 6.18 -25.95 8.06
N PRO B 71 6.55 -27.20 7.77
CA PRO B 71 6.19 -27.83 6.49
C PRO B 71 4.69 -28.00 6.30
N LEU B 72 3.91 -27.84 7.36
CA LEU B 72 2.46 -27.92 7.25
C LEU B 72 1.93 -26.85 6.30
N SER B 73 2.58 -25.70 6.28
CA SER B 73 2.13 -24.55 5.47
C SER B 73 2.59 -24.65 4.01
N TYR B 74 3.27 -25.72 3.68
CA TYR B 74 3.86 -25.87 2.35
C TYR B 74 2.86 -26.33 1.26
N PRO B 75 1.81 -27.11 1.63
CA PRO B 75 0.84 -27.46 0.58
C PRO B 75 0.12 -26.23 0.04
N GLN B 76 -0.01 -26.16 -1.29
CA GLN B 76 -0.79 -25.13 -1.99
C GLN B 76 0.09 -23.93 -2.35
N THR B 77 1.39 -24.05 -2.12
CA THR B 77 2.31 -22.96 -2.34
C THR B 77 2.54 -22.78 -3.82
N ASP B 78 2.47 -21.53 -4.27
CA ASP B 78 2.74 -21.23 -5.68
C ASP B 78 4.19 -20.84 -5.93
N VAL B 79 4.88 -20.36 -4.90
CA VAL B 79 6.29 -19.96 -5.06
C VAL B 79 7.00 -19.84 -3.71
N PHE B 80 8.30 -20.15 -3.69
CA PHE B 80 9.06 -20.05 -2.44
C PHE B 80 10.08 -18.93 -2.52
N LEU B 81 10.26 -18.24 -1.41
CA LEU B 81 11.34 -17.26 -1.32
C LEU B 81 12.34 -17.76 -0.26
N VAL B 82 13.56 -18.05 -0.68
CA VAL B 82 14.57 -18.61 0.22
C VAL B 82 15.61 -17.54 0.59
N CYS B 83 15.52 -17.05 1.82
CA CYS B 83 16.27 -15.82 2.18
C CYS B 83 17.53 -16.10 2.97
N PHE B 84 18.60 -15.37 2.67
CA PHE B 84 19.82 -15.35 3.48
C PHE B 84 20.34 -13.90 3.44
N SER B 85 21.02 -13.48 4.50
CA SER B 85 21.69 -12.19 4.48
C SER B 85 23.05 -12.29 3.79
N VAL B 86 23.37 -11.31 2.93
CA VAL B 86 24.61 -11.32 2.17
C VAL B 86 25.83 -10.96 3.04
N VAL B 87 25.59 -10.57 4.29
CA VAL B 87 26.70 -10.38 5.22
C VAL B 87 26.71 -11.47 6.32
N SER B 88 26.09 -12.63 6.02
CA SER B 88 26.04 -13.75 6.95
C SER B 88 26.31 -15.11 6.31
N PRO B 89 27.58 -15.53 6.29
CA PRO B 89 27.99 -16.75 5.57
C PRO B 89 27.22 -17.99 6.03
N SER B 90 26.99 -18.13 7.33
CA SER B 90 26.12 -19.20 7.80
C SER B 90 24.74 -19.21 7.10
N SER B 91 24.15 -18.03 6.85
CA SER B 91 22.81 -17.91 6.19
C SER B 91 22.80 -18.60 4.85
N PHE B 92 23.76 -18.16 4.05
CA PHE B 92 24.01 -18.67 2.73
C PHE B 92 24.16 -20.18 2.82
N GLU B 93 25.00 -20.63 3.75
CA GLU B 93 25.20 -22.06 3.96
C GLU B 93 23.90 -22.81 4.20
N ASN B 94 23.06 -22.27 5.07
CA ASN B 94 21.80 -22.92 5.37
C ASN B 94 20.83 -23.03 4.17
N VAL B 95 21.00 -22.15 3.18
CA VAL B 95 20.23 -22.26 1.93
C VAL B 95 20.51 -23.62 1.34
N LYS B 96 21.80 -23.90 1.13
CA LYS B 96 22.28 -25.18 0.60
C LYS B 96 21.96 -26.34 1.53
N GLU B 97 22.26 -26.17 2.82
CA GLU B 97 22.21 -27.30 3.77
C GLU B 97 20.82 -27.62 4.34
N LYS B 98 20.02 -26.59 4.59
CA LYS B 98 18.71 -26.85 5.20
C LYS B 98 17.52 -26.44 4.33
N TRP B 99 17.54 -25.20 3.82
CA TRP B 99 16.34 -24.61 3.25
C TRP B 99 15.82 -25.19 1.93
N VAL B 100 16.66 -25.22 0.89
CA VAL B 100 16.17 -25.79 -0.37
C VAL B 100 15.92 -27.30 -0.27
N PRO B 101 16.82 -28.03 0.43
CA PRO B 101 16.44 -29.41 0.72
C PRO B 101 15.03 -29.51 1.29
N GLU B 102 14.71 -28.76 2.34
CA GLU B 102 13.38 -28.86 2.97
C GLU B 102 12.21 -28.57 2.01
N ILE B 103 12.29 -27.45 1.28
CA ILE B 103 11.17 -27.05 0.45
C ILE B 103 11.04 -27.95 -0.76
N THR B 104 12.16 -28.40 -1.33
CA THR B 104 12.08 -29.33 -2.46
C THR B 104 11.78 -30.77 -2.03
N HIS B 105 12.04 -31.11 -0.77
CA HIS B 105 11.50 -32.38 -0.25
C HIS B 105 9.99 -32.35 -0.42
N HIS B 106 9.36 -31.35 0.17
CA HIS B 106 7.91 -31.24 0.23
C HIS B 106 7.25 -30.77 -1.08
N CYS B 107 7.85 -29.83 -1.79
CA CYS B 107 7.27 -29.31 -3.02
C CYS B 107 8.28 -29.38 -4.15
N PRO B 108 8.48 -30.59 -4.70
CA PRO B 108 9.57 -30.87 -5.64
C PRO B 108 9.49 -30.00 -6.88
N LYS B 109 8.28 -29.58 -7.26
CA LYS B 109 8.10 -28.87 -8.51
C LYS B 109 7.68 -27.39 -8.40
N THR B 110 7.56 -26.89 -7.18
CA THR B 110 7.20 -25.49 -6.97
C THR B 110 8.44 -24.59 -7.11
N PRO B 111 8.35 -23.51 -7.92
CA PRO B 111 9.55 -22.67 -8.06
C PRO B 111 9.95 -21.95 -6.78
N PHE B 112 11.22 -21.60 -6.68
CA PHE B 112 11.69 -20.76 -5.59
C PHE B 112 12.74 -19.80 -6.13
N LEU B 113 12.89 -18.66 -5.44
CA LEU B 113 13.98 -17.72 -5.71
C LEU B 113 14.94 -17.63 -4.52
N LEU B 114 16.20 -17.35 -4.80
CA LEU B 114 17.15 -17.04 -3.76
C LEU B 114 17.11 -15.54 -3.48
N VAL B 115 16.84 -15.18 -2.24
CA VAL B 115 16.77 -13.77 -1.89
C VAL B 115 17.93 -13.38 -0.99
N GLY B 116 18.79 -12.49 -1.48
CA GLY B 116 19.83 -11.93 -0.66
C GLY B 116 19.31 -10.71 0.08
N THR B 117 19.56 -10.65 1.39
CA THR B 117 19.11 -9.54 2.22
C THR B 117 20.26 -8.65 2.75
N GLN B 118 19.89 -7.54 3.38
CA GLN B 118 20.82 -6.63 4.04
C GLN B 118 22.00 -6.21 3.17
N ILE B 119 21.76 -6.06 1.87
CA ILE B 119 22.82 -5.65 0.94
C ILE B 119 23.41 -4.27 1.25
N ASP B 120 22.71 -3.46 2.03
CA ASP B 120 23.30 -2.19 2.42
C ASP B 120 24.48 -2.39 3.39
N LEU B 121 24.59 -3.60 3.96
CA LEU B 121 25.66 -3.91 4.92
C LEU B 121 26.98 -4.32 4.26
N ARG B 122 26.98 -4.51 2.95
CA ARG B 122 28.24 -4.77 2.25
C ARG B 122 29.17 -3.58 2.39
N ASP B 123 28.58 -2.40 2.63
CA ASP B 123 29.31 -1.13 2.71
C ASP B 123 29.69 -0.80 4.16
N ASP B 124 29.06 -1.45 5.13
CA ASP B 124 29.34 -1.17 6.53
C ASP B 124 30.74 -1.60 6.94
N PRO B 125 31.53 -0.66 7.44
CA PRO B 125 32.94 -0.93 7.76
C PRO B 125 33.03 -1.96 8.88
N SER B 126 32.22 -1.75 9.91
CA SER B 126 32.21 -2.65 11.05
C SER B 126 31.84 -4.08 10.68
N THR B 127 30.82 -4.23 9.85
CA THR B 127 30.38 -5.55 9.38
C THR B 127 31.47 -6.24 8.56
N ILE B 128 32.13 -5.49 7.68
CA ILE B 128 33.20 -6.03 6.85
C ILE B 128 34.39 -6.49 7.70
N GLU B 129 34.66 -5.73 8.77
CA GLU B 129 35.73 -6.04 9.71
C GLU B 129 35.41 -7.34 10.45
N LYS B 130 34.20 -7.44 10.99
CA LYS B 130 33.77 -8.65 11.70
C LYS B 130 33.93 -9.87 10.81
N LEU B 131 33.54 -9.73 9.54
CA LEU B 131 33.70 -10.83 8.58
C LEU B 131 35.18 -11.14 8.29
N ALA B 132 35.97 -10.08 8.11
CA ALA B 132 37.42 -10.20 7.89
C ALA B 132 38.16 -11.01 8.96
N LYS B 133 37.88 -10.75 10.24
CA LYS B 133 38.49 -11.51 11.36
C LYS B 133 38.19 -13.01 11.37
N ASN B 134 37.29 -13.45 10.50
CA ASN B 134 37.09 -14.90 10.31
C ASN B 134 37.47 -15.30 8.88
N LYS B 135 38.24 -14.42 8.22
CA LYS B 135 38.66 -14.66 6.83
C LYS B 135 37.46 -14.82 5.86
N GLN B 136 36.47 -13.96 6.02
CA GLN B 136 35.28 -13.97 5.18
C GLN B 136 34.97 -12.59 4.62
N LYS B 137 34.23 -12.58 3.53
CA LYS B 137 33.78 -11.34 2.92
C LYS B 137 32.28 -11.46 2.63
N PRO B 138 31.58 -10.31 2.50
CA PRO B 138 30.16 -10.44 2.14
C PRO B 138 30.00 -11.20 0.82
N ILE B 139 28.96 -12.03 0.73
CA ILE B 139 28.58 -12.70 -0.52
C ILE B 139 28.33 -11.69 -1.65
N THR B 140 28.89 -11.95 -2.82
CA THR B 140 28.60 -11.09 -3.95
C THR B 140 27.46 -11.65 -4.80
N PRO B 141 26.85 -10.82 -5.65
CA PRO B 141 25.76 -11.29 -6.52
C PRO B 141 26.25 -12.44 -7.37
N GLU B 142 27.47 -12.30 -7.90
CA GLU B 142 28.07 -13.34 -8.74
C GLU B 142 28.00 -14.69 -8.04
N THR B 143 28.51 -14.74 -6.81
CA THR B 143 28.52 -15.98 -6.06
C THR B 143 27.10 -16.47 -5.67
N ALA B 144 26.19 -15.52 -5.45
CA ALA B 144 24.79 -15.86 -5.19
C ALA B 144 24.05 -16.38 -6.44
N GLU B 145 24.32 -15.77 -7.58
CA GLU B 145 23.71 -16.24 -8.84
C GLU B 145 24.10 -17.68 -9.12
N LYS B 146 25.38 -18.00 -8.89
CA LYS B 146 25.91 -19.35 -9.05
C LYS B 146 25.10 -20.36 -8.25
N LEU B 147 25.07 -20.16 -6.94
CA LEU B 147 24.26 -21.03 -6.09
C LEU B 147 22.82 -21.15 -6.63
N ALA B 148 22.30 -20.07 -7.20
CA ALA B 148 20.92 -20.06 -7.70
C ALA B 148 20.74 -20.98 -8.90
N ARG B 149 21.68 -20.93 -9.84
CA ARG B 149 21.59 -21.77 -11.03
C ARG B 149 21.92 -23.24 -10.69
N ASP B 150 22.82 -23.45 -9.73
CA ASP B 150 23.21 -24.79 -9.32
C ASP B 150 22.12 -25.47 -8.52
N LEU B 151 21.40 -24.69 -7.72
CA LEU B 151 20.33 -25.26 -6.91
C LEU B 151 19.03 -25.41 -7.68
N LYS B 152 18.96 -24.78 -8.84
CA LYS B 152 17.76 -24.84 -9.68
C LYS B 152 16.72 -23.81 -9.25
N ALA B 153 17.16 -22.75 -8.59
CA ALA B 153 16.30 -21.63 -8.24
C ALA B 153 15.95 -20.92 -9.53
N VAL B 154 14.70 -20.47 -9.68
CA VAL B 154 14.35 -19.66 -10.86
C VAL B 154 15.33 -18.51 -11.07
N LYS B 155 15.63 -17.76 -10.02
CA LYS B 155 16.73 -16.79 -10.04
C LYS B 155 17.09 -16.27 -8.68
N TYR B 156 18.09 -15.39 -8.68
CA TYR B 156 18.56 -14.72 -7.48
C TYR B 156 18.18 -13.26 -7.51
N VAL B 157 17.62 -12.79 -6.41
CA VAL B 157 17.28 -11.38 -6.27
C VAL B 157 17.77 -10.96 -4.90
N GLU B 158 18.05 -9.68 -4.72
CA GLU B 158 18.59 -9.19 -3.45
C GLU B 158 18.09 -7.79 -3.20
N CYS B 159 18.15 -7.37 -1.93
CA CYS B 159 17.55 -6.11 -1.56
C CYS B 159 18.05 -5.62 -0.21
N SER B 160 17.80 -4.34 0.06
CA SER B 160 17.93 -3.74 1.39
C SER B 160 16.59 -3.16 1.83
N ALA B 161 15.98 -3.74 2.87
CA ALA B 161 14.82 -3.10 3.49
C ALA B 161 15.18 -1.69 3.95
N LEU B 162 16.43 -1.49 4.35
CA LEU B 162 16.87 -0.19 4.89
C LEU B 162 16.81 0.92 3.87
N THR B 163 17.49 0.72 2.74
CA THR B 163 17.55 1.71 1.67
C THR B 163 16.41 1.56 0.66
N GLN B 164 15.69 0.44 0.74
CA GLN B 164 14.57 0.12 -0.15
C GLN B 164 15.07 -0.37 -1.51
N LYS B 165 16.37 -0.40 -1.68
CA LYS B 165 16.98 -0.84 -2.94
C LYS B 165 16.68 -2.32 -3.23
N GLY B 166 16.14 -2.61 -4.44
CA GLY B 166 15.81 -3.97 -4.86
C GLY B 166 14.54 -4.59 -4.24
N LEU B 167 13.93 -3.89 -3.29
CA LEU B 167 12.81 -4.47 -2.53
C LEU B 167 11.59 -4.80 -3.40
N LYS B 168 11.13 -3.82 -4.18
CA LYS B 168 9.99 -4.03 -5.08
C LYS B 168 10.26 -5.17 -6.04
N ASN B 169 11.45 -5.15 -6.62
CA ASN B 169 11.79 -6.15 -7.59
C ASN B 169 11.70 -7.59 -7.03
N VAL B 170 12.09 -7.77 -5.77
CA VAL B 170 12.06 -9.10 -5.19
C VAL B 170 10.66 -9.70 -5.32
N PHE B 171 9.63 -8.94 -4.98
CA PHE B 171 8.30 -9.51 -5.01
C PHE B 171 7.66 -9.46 -6.41
N ASP B 172 8.12 -8.55 -7.27
CA ASP B 172 7.76 -8.63 -8.69
C ASP B 172 8.19 -9.99 -9.27
N GLU B 173 9.41 -10.42 -8.94
CA GLU B 173 9.95 -11.69 -9.45
C GLU B 173 9.25 -12.90 -8.85
N ALA B 174 8.88 -12.80 -7.58
CA ALA B 174 8.19 -13.90 -6.94
C ALA B 174 6.87 -14.17 -7.64
N ILE B 175 6.20 -13.10 -8.07
CA ILE B 175 4.90 -13.23 -8.77
C ILE B 175 5.13 -13.75 -10.18
N LEU B 176 6.09 -13.15 -10.88
CA LEU B 176 6.48 -13.67 -12.20
C LEU B 176 6.78 -15.18 -12.17
N ALA B 177 7.43 -15.65 -11.10
CA ALA B 177 7.77 -17.08 -11.00
C ALA B 177 6.55 -17.96 -10.75
N ALA B 178 5.61 -17.47 -9.97
CA ALA B 178 4.39 -18.21 -9.70
C ALA B 178 3.46 -18.37 -10.94
N LEU B 179 3.63 -17.49 -11.92
CA LEU B 179 2.75 -17.44 -13.10
C LEU B 179 3.21 -18.35 -14.24
C1 GOL C . -11.51 22.53 -2.23
O1 GOL C . -10.56 21.51 -2.41
C2 GOL C . -10.80 23.86 -2.38
O2 GOL C . -10.04 23.87 -3.57
C3 GOL C . -11.86 24.95 -2.35
O3 GOL C . -13.03 24.43 -1.74
C1 GOL D . -16.17 4.65 -24.42
O1 GOL D . -15.90 3.38 -24.98
C2 GOL D . -14.89 5.45 -24.64
O2 GOL D . -14.65 5.55 -26.02
C3 GOL D . -15.02 6.84 -24.02
O3 GOL D . -14.53 7.78 -24.96
C1 GOL E . 13.38 -12.08 11.46
O1 GOL E . 12.96 -12.84 10.38
C2 GOL E . 14.35 -11.13 10.81
O2 GOL E . 15.56 -10.98 11.56
C3 GOL E . 13.69 -9.81 10.50
O3 GOL E . 13.07 -9.35 11.66
#